data_9VGV
#
_entry.id   9VGV
#
_cell.length_a   91.494
_cell.length_b   72.98
_cell.length_c   43.938
_cell.angle_alpha   90
_cell.angle_beta   94.421
_cell.angle_gamma   90
#
_symmetry.space_group_name_H-M   'C 1 2 1'
#
loop_
_entity.id
_entity.type
_entity.pdbx_description
1 polymer Beta-lactamase
2 non-polymer Tavaborole
3 non-polymer 'CHLORIDE ION'
4 water water
#
_entity_poly.entity_id   1
_entity_poly.type   'polypeptide(L)'
_entity_poly.pdbx_seq_one_letter_code
;SVDKQLAELERNANGRLGVAMINTGNGTKILYRAAQRFPFCSTFKFMLAAAVLDQSQSQPNLLNKHINYHESDLLSYAPI
TRKNLAHGMTVSELCAATIQYSDNTAANLLIKELGGLAAVNQFARSIGDQMFRLDRWEPDLNTARPNDPRDTTTPAAMAA
SMNKLVLGDALRPAQRSQLAVWLKGNTTGDATIRAGAPTDWIVGDKTGSGDYGTTNDIAVLWPTKGAPIVLVVYFTQREK
DAKPRRDVLASVTKIILSQIS
;
_entity_poly.pdbx_strand_id   A
#
# COMPACT_ATOMS: atom_id res chain seq x y z
N SER A 1 14.08 -0.26 23.86
CA SER A 1 15.28 -0.44 22.98
C SER A 1 14.78 -0.48 21.54
N VAL A 2 13.84 -1.40 21.33
CA VAL A 2 13.08 -1.57 20.11
C VAL A 2 12.44 -0.23 19.77
N ASP A 3 11.68 0.29 20.74
CA ASP A 3 11.02 1.59 20.68
C ASP A 3 12.04 2.71 20.61
N LYS A 4 13.12 2.62 21.40
CA LYS A 4 13.97 3.79 21.60
C LYS A 4 14.64 4.17 20.29
N GLN A 5 14.89 3.16 19.44
CA GLN A 5 15.69 3.35 18.24
C GLN A 5 14.88 4.07 17.16
N LEU A 6 13.62 3.63 17.00
CA LEU A 6 12.70 4.27 16.09
C LEU A 6 12.45 5.73 16.51
N ALA A 7 12.14 5.94 17.80
CA ALA A 7 11.88 7.27 18.33
C ALA A 7 13.06 8.18 18.01
N GLU A 8 14.25 7.57 18.02
CA GLU A 8 15.51 8.27 17.83
C GLU A 8 15.71 8.52 16.34
N LEU A 9 15.47 7.46 15.54
CA LEU A 9 15.43 7.61 14.09
C LEU A 9 14.46 8.73 13.70
N GLU A 10 13.23 8.70 14.25
CA GLU A 10 12.22 9.71 13.91
C GLU A 10 12.63 11.10 14.38
N ARG A 11 13.16 11.22 15.61
CA ARG A 11 13.70 12.49 16.08
C ARG A 11 14.68 13.06 15.04
N ASN A 12 15.70 12.24 14.71
CA ASN A 12 16.75 12.56 13.76
C ASN A 12 16.20 12.94 12.39
N ALA A 13 15.15 12.25 11.95
CA ALA A 13 14.68 12.45 10.59
C ALA A 13 13.74 13.65 10.47
N ASN A 14 13.24 14.15 11.61
CA ASN A 14 12.49 15.39 11.67
C ASN A 14 11.08 15.20 11.10
N GLY A 15 10.54 13.98 11.25
CA GLY A 15 9.22 13.64 10.78
C GLY A 15 8.48 12.83 11.82
N ARG A 16 7.25 12.38 11.47
CA ARG A 16 6.43 11.54 12.30
C ARG A 16 6.39 10.14 11.69
N LEU A 17 6.65 9.12 12.50
CA LEU A 17 6.83 7.77 12.00
C LEU A 17 5.81 6.81 12.61
N GLY A 18 5.28 5.94 11.72
CA GLY A 18 4.23 4.96 11.98
C GLY A 18 4.66 3.59 11.48
N VAL A 19 4.88 2.67 12.43
CA VAL A 19 5.30 1.34 12.02
C VAL A 19 4.28 0.33 12.51
N ALA A 20 3.98 -0.68 11.69
CA ALA A 20 3.46 -1.90 12.29
C ALA A 20 4.07 -3.14 11.64
N MET A 21 4.42 -4.10 12.50
CA MET A 21 5.02 -5.35 12.07
C MET A 21 4.24 -6.52 12.66
N ILE A 22 4.00 -7.54 11.81
CA ILE A 22 3.39 -8.77 12.28
C ILE A 22 4.17 -9.94 11.70
N ASN A 23 4.72 -10.67 12.65
CA ASN A 23 5.39 -11.92 12.36
C ASN A 23 4.32 -12.99 12.45
N THR A 24 3.95 -13.53 11.29
CA THR A 24 2.92 -14.55 11.30
C THR A 24 3.51 -15.88 11.77
N GLY A 25 4.85 -15.90 11.99
CA GLY A 25 5.53 -16.97 12.70
C GLY A 25 4.88 -17.29 14.04
N ASN A 26 5.20 -16.49 15.07
CA ASN A 26 4.58 -16.66 16.37
C ASN A 26 3.20 -16.00 16.40
N GLY A 27 3.14 -14.72 16.03
CA GLY A 27 1.93 -13.91 16.18
C GLY A 27 2.27 -12.64 16.95
N THR A 28 3.54 -12.26 16.89
CA THR A 28 3.97 -11.10 17.65
C THR A 28 4.07 -9.88 16.72
N LYS A 29 4.03 -8.69 17.35
CA LYS A 29 3.83 -7.41 16.68
C LYS A 29 4.79 -6.38 17.27
N ILE A 30 5.41 -5.58 16.41
CA ILE A 30 6.10 -4.37 16.87
C ILE A 30 5.27 -3.18 16.38
N LEU A 31 4.89 -2.31 17.33
CA LEU A 31 4.00 -1.20 17.04
C LEU A 31 4.66 0.10 17.49
N TYR A 32 4.70 1.09 16.60
CA TYR A 32 5.14 2.42 16.99
C TYR A 32 4.19 3.40 16.31
N ARG A 33 3.51 4.21 17.15
CA ARG A 33 2.47 5.14 16.72
C ARG A 33 1.47 4.44 15.81
N ALA A 34 1.23 3.16 16.08
CA ALA A 34 0.42 2.26 15.25
C ALA A 34 -1.06 2.66 15.13
N ALA A 35 -1.57 3.39 16.13
CA ALA A 35 -2.96 3.81 16.20
C ALA A 35 -3.17 5.26 15.72
N GLN A 36 -2.09 6.00 15.47
CA GLN A 36 -2.23 7.35 14.92
C GLN A 36 -2.59 7.26 13.43
N ARG A 37 -3.25 8.29 12.89
CA ARG A 37 -3.52 8.37 11.47
C ARG A 37 -2.31 8.89 10.68
N PHE A 38 -2.23 8.51 9.40
CA PHE A 38 -1.22 8.94 8.44
C PHE A 38 -1.83 8.93 7.05
N PRO A 39 -1.37 9.84 6.16
CA PRO A 39 -1.84 9.86 4.78
C PRO A 39 -1.35 8.64 4.02
N PHE A 40 -2.26 7.78 3.52
CA PHE A 40 -1.78 6.52 2.95
C PHE A 40 -1.07 6.77 1.61
N CYS A 41 -1.59 7.71 0.81
CA CYS A 41 -1.09 7.96 -0.53
C CYS A 41 -1.32 6.74 -1.41
N SER A 42 -0.37 6.46 -2.32
CA SER A 42 -0.55 5.38 -3.27
C SER A 42 -0.73 4.03 -2.57
N THR A 43 -0.53 3.94 -1.24
CA THR A 43 -0.58 2.64 -0.58
C THR A 43 -1.99 2.03 -0.63
N PHE A 44 -2.99 2.87 -0.91
CA PHE A 44 -4.36 2.42 -0.87
C PHE A 44 -4.67 1.55 -2.09
N LYS A 45 -3.90 1.78 -3.16
CA LYS A 45 -3.97 0.96 -4.36
C LYS A 45 -3.98 -0.51 -3.99
N PHE A 46 -3.26 -0.90 -2.94
CA PHE A 46 -3.28 -2.28 -2.47
C PHE A 46 -4.71 -2.65 -2.03
N MET A 47 -5.32 -1.74 -1.28
CA MET A 47 -6.59 -2.09 -0.72
C MET A 47 -7.55 -2.18 -1.89
N LEU A 48 -7.37 -1.28 -2.87
CA LEU A 48 -8.26 -1.17 -4.02
C LEU A 48 -8.17 -2.46 -4.81
N ALA A 49 -6.97 -2.97 -5.02
CA ALA A 49 -6.89 -4.20 -5.77
C ALA A 49 -7.53 -5.34 -4.99
N ALA A 50 -7.37 -5.34 -3.66
CA ALA A 50 -8.02 -6.40 -2.92
C ALA A 50 -9.53 -6.36 -3.14
N ALA A 51 -10.09 -5.13 -3.15
CA ALA A 51 -11.53 -4.97 -3.33
C ALA A 51 -11.99 -5.57 -4.66
N VAL A 52 -11.19 -5.31 -5.71
CA VAL A 52 -11.50 -5.78 -7.05
C VAL A 52 -11.46 -7.30 -6.99
N LEU A 53 -10.42 -7.84 -6.34
CA LEU A 53 -10.29 -9.28 -6.20
C LEU A 53 -11.48 -9.85 -5.42
N ASP A 54 -11.96 -9.14 -4.38
CA ASP A 54 -13.12 -9.59 -3.61
C ASP A 54 -14.36 -9.74 -4.49
N GLN A 55 -14.55 -8.77 -5.40
CA GLN A 55 -15.77 -8.64 -6.20
C GLN A 55 -15.76 -9.70 -7.30
N SER A 56 -14.56 -10.12 -7.70
CA SER A 56 -14.40 -11.09 -8.76
C SER A 56 -14.65 -12.49 -8.23
N GLN A 57 -14.91 -12.58 -6.92
CA GLN A 57 -15.27 -13.87 -6.36
C GLN A 57 -16.67 -14.25 -6.82
N SER A 58 -17.49 -13.24 -7.13
CA SER A 58 -18.85 -13.38 -7.65
C SER A 58 -18.80 -13.45 -9.17
N GLN A 59 -17.93 -12.63 -9.77
CA GLN A 59 -17.99 -12.35 -11.19
C GLN A 59 -16.83 -13.02 -11.91
N PRO A 60 -16.99 -14.32 -12.31
CA PRO A 60 -15.91 -15.07 -12.96
C PRO A 60 -15.22 -14.32 -14.09
N ASN A 61 -15.90 -13.30 -14.64
CA ASN A 61 -15.36 -12.69 -15.85
C ASN A 61 -14.84 -11.29 -15.55
N LEU A 62 -14.84 -10.88 -14.28
CA LEU A 62 -14.45 -9.51 -13.95
C LEU A 62 -13.00 -9.21 -14.37
N LEU A 63 -12.07 -10.12 -14.04
CA LEU A 63 -10.66 -9.87 -14.20
C LEU A 63 -10.33 -9.72 -15.68
N ASN A 64 -11.18 -10.32 -16.50
CA ASN A 64 -10.94 -10.38 -17.93
C ASN A 64 -11.78 -9.33 -18.67
N LYS A 65 -12.60 -8.56 -17.95
CA LYS A 65 -13.37 -7.49 -18.58
C LYS A 65 -12.43 -6.53 -19.34
N HIS A 66 -12.69 -6.36 -20.63
CA HIS A 66 -11.88 -5.42 -21.39
C HIS A 66 -12.41 -4.01 -21.17
N ILE A 67 -11.54 -3.10 -20.69
CA ILE A 67 -11.95 -1.72 -20.43
C ILE A 67 -11.40 -0.79 -21.50
N ASN A 68 -12.30 -0.08 -22.22
CA ASN A 68 -11.85 0.86 -23.22
C ASN A 68 -11.96 2.27 -22.67
N TYR A 69 -10.86 2.71 -22.05
CA TYR A 69 -10.74 4.01 -21.44
C TYR A 69 -10.44 5.01 -22.54
N HIS A 70 -10.69 6.29 -22.22
CA HIS A 70 -10.68 7.38 -23.17
C HIS A 70 -9.40 8.20 -22.96
N GLU A 71 -9.15 9.13 -23.87
CA GLU A 71 -8.18 10.22 -23.79
C GLU A 71 -8.30 11.01 -22.48
N SER A 72 -9.51 11.36 -22.05
CA SER A 72 -9.75 12.29 -20.95
C SER A 72 -9.43 11.69 -19.57
N ASP A 73 -9.32 10.36 -19.48
CA ASP A 73 -9.03 9.65 -18.23
C ASP A 73 -7.55 9.78 -17.82
N LEU A 74 -6.67 10.10 -18.78
CA LEU A 74 -5.23 9.99 -18.61
C LEU A 74 -4.74 11.13 -17.72
N LEU A 75 -3.80 10.80 -16.84
CA LEU A 75 -3.33 11.71 -15.81
C LEU A 75 -1.84 11.89 -15.99
N SER A 76 -1.25 12.81 -15.22
CA SER A 76 0.17 13.04 -15.27
C SER A 76 0.97 11.75 -15.05
N TYR A 77 0.56 10.98 -14.03
CA TYR A 77 1.31 9.78 -13.71
C TYR A 77 0.50 8.53 -14.04
N ALA A 78 0.79 7.99 -15.23
CA ALA A 78 0.12 6.82 -15.79
C ALA A 78 0.97 6.21 -16.90
N PRO A 79 2.22 5.76 -16.67
CA PRO A 79 2.99 5.14 -17.74
C PRO A 79 2.20 4.04 -18.44
N ILE A 80 1.61 3.11 -17.69
CA ILE A 80 1.04 1.90 -18.32
C ILE A 80 -0.26 2.20 -19.06
N THR A 81 -1.19 2.93 -18.44
CA THR A 81 -2.42 3.14 -19.19
C THR A 81 -2.11 4.02 -20.39
N ARG A 82 -1.04 4.83 -20.31
CA ARG A 82 -0.63 5.65 -21.45
C ARG A 82 -0.19 4.70 -22.57
N LYS A 83 0.68 3.75 -22.22
CA LYS A 83 1.21 2.81 -23.18
C LYS A 83 0.11 2.05 -23.93
N ASN A 84 -1.06 1.81 -23.30
CA ASN A 84 -2.12 1.01 -23.92
C ASN A 84 -3.41 1.79 -24.20
N LEU A 85 -3.35 3.12 -24.31
CA LEU A 85 -4.50 3.94 -24.67
C LEU A 85 -5.35 3.26 -25.75
N ALA A 86 -4.66 2.83 -26.81
CA ALA A 86 -5.32 2.57 -28.06
C ALA A 86 -5.95 1.18 -28.04
N HIS A 87 -5.37 0.22 -27.32
CA HIS A 87 -5.92 -1.12 -27.32
C HIS A 87 -6.85 -1.38 -26.13
N GLY A 88 -6.93 -0.44 -25.17
CA GLY A 88 -7.56 -0.64 -23.86
C GLY A 88 -6.75 -1.60 -22.96
N MET A 89 -7.24 -1.86 -21.72
CA MET A 89 -6.67 -2.81 -20.76
C MET A 89 -7.74 -3.66 -20.05
N THR A 90 -7.36 -4.90 -19.71
CA THR A 90 -8.27 -5.67 -18.87
C THR A 90 -8.18 -5.16 -17.44
N VAL A 91 -9.30 -5.33 -16.71
CA VAL A 91 -9.39 -4.93 -15.30
C VAL A 91 -8.20 -5.52 -14.54
N SER A 92 -7.85 -6.75 -14.89
CA SER A 92 -6.74 -7.43 -14.25
C SER A 92 -5.41 -6.74 -14.56
N GLU A 93 -5.19 -6.30 -15.80
CA GLU A 93 -3.97 -5.59 -16.11
C GLU A 93 -4.00 -4.25 -15.39
N LEU A 94 -5.22 -3.71 -15.24
CA LEU A 94 -5.35 -2.43 -14.57
C LEU A 94 -4.84 -2.56 -13.15
N CYS A 95 -5.20 -3.69 -12.51
CA CYS A 95 -4.71 -4.01 -11.18
C CYS A 95 -3.20 -4.16 -11.18
N ALA A 96 -2.60 -4.88 -12.14
CA ALA A 96 -1.15 -5.05 -12.10
C ALA A 96 -0.51 -3.66 -12.17
N ALA A 97 -0.94 -2.86 -13.15
CA ALA A 97 -0.35 -1.54 -13.33
C ALA A 97 -0.47 -0.69 -12.06
N THR A 98 -1.67 -0.69 -11.47
CA THR A 98 -1.88 0.18 -10.31
C THR A 98 -0.90 -0.21 -9.19
N ILE A 99 -0.75 -1.53 -8.99
CA ILE A 99 0.13 -2.06 -7.97
C ILE A 99 1.58 -1.83 -8.38
N GLN A 100 1.93 -2.28 -9.59
CA GLN A 100 3.36 -2.49 -9.84
C GLN A 100 4.05 -1.22 -10.33
N TYR A 101 3.25 -0.23 -10.78
CA TYR A 101 3.80 1.00 -11.35
C TYR A 101 3.19 2.23 -10.69
N SER A 102 2.10 2.03 -9.94
CA SER A 102 1.48 3.08 -9.15
C SER A 102 0.73 4.06 -10.03
N ASP A 103 0.26 3.56 -11.20
CA ASP A 103 -0.52 4.25 -12.22
C ASP A 103 -1.82 4.79 -11.63
N ASN A 104 -2.01 6.13 -11.72
CA ASN A 104 -3.17 6.82 -11.14
C ASN A 104 -4.43 6.63 -12.01
N THR A 105 -4.25 6.58 -13.33
CA THR A 105 -5.43 6.48 -14.15
C THR A 105 -6.02 5.10 -13.88
N ALA A 106 -5.13 4.10 -13.82
CA ALA A 106 -5.61 2.74 -13.60
C ALA A 106 -6.48 2.68 -12.35
N ALA A 107 -6.17 3.50 -11.35
CA ALA A 107 -6.78 3.44 -10.03
C ALA A 107 -8.18 4.04 -10.08
N ASN A 108 -8.23 5.27 -10.59
CA ASN A 108 -9.46 5.97 -10.88
C ASN A 108 -10.38 5.08 -11.69
N LEU A 109 -9.82 4.38 -12.68
CA LEU A 109 -10.62 3.51 -13.53
C LEU A 109 -11.21 2.37 -12.71
N LEU A 110 -10.42 1.86 -11.76
CA LEU A 110 -10.82 0.73 -10.95
C LEU A 110 -11.83 1.10 -9.87
N ILE A 111 -11.65 2.29 -9.28
CA ILE A 111 -12.61 2.81 -8.33
C ILE A 111 -13.97 2.95 -9.02
N LYS A 112 -13.94 3.41 -10.27
CA LYS A 112 -15.15 3.68 -11.02
C LYS A 112 -15.86 2.36 -11.32
N GLU A 113 -15.09 1.31 -11.60
CA GLU A 113 -15.66 0.01 -11.89
C GLU A 113 -16.30 -0.59 -10.63
N LEU A 114 -15.64 -0.44 -9.49
CA LEU A 114 -16.23 -0.83 -8.22
C LEU A 114 -17.47 -0.01 -7.92
N GLY A 115 -17.57 1.21 -8.48
CA GLY A 115 -18.77 2.00 -8.34
C GLY A 115 -18.60 3.16 -7.37
N GLY A 116 -17.36 3.56 -7.11
CA GLY A 116 -17.10 4.83 -6.44
C GLY A 116 -16.24 4.68 -5.19
N LEU A 117 -15.88 5.82 -4.60
CA LEU A 117 -15.04 5.86 -3.41
C LEU A 117 -15.64 5.00 -2.31
N ALA A 118 -16.96 5.06 -2.14
CA ALA A 118 -17.57 4.47 -0.95
C ALA A 118 -17.47 2.94 -1.01
N ALA A 119 -17.28 2.39 -2.22
CA ALA A 119 -17.15 0.95 -2.40
C ALA A 119 -15.79 0.50 -1.87
N VAL A 120 -14.77 1.33 -2.02
CA VAL A 120 -13.54 0.98 -1.34
C VAL A 120 -13.66 1.04 0.21
N ASN A 121 -14.39 2.02 0.73
CA ASN A 121 -14.65 2.10 2.16
C ASN A 121 -15.38 0.85 2.65
N GLN A 122 -16.47 0.46 1.97
N GLN A 122 -16.46 0.48 1.97
CA GLN A 122 -17.30 -0.66 2.35
CA GLN A 122 -17.30 -0.66 2.35
C GLN A 122 -16.53 -1.97 2.35
C GLN A 122 -16.53 -1.98 2.34
N PHE A 123 -15.63 -2.15 1.38
CA PHE A 123 -14.80 -3.34 1.33
C PHE A 123 -13.89 -3.34 2.56
N ALA A 124 -13.27 -2.18 2.85
CA ALA A 124 -12.44 -1.99 4.03
C ALA A 124 -13.18 -2.36 5.31
N ARG A 125 -14.44 -1.90 5.47
CA ARG A 125 -15.26 -2.21 6.63
C ARG A 125 -15.57 -3.70 6.70
N SER A 126 -15.79 -4.33 5.56
CA SER A 126 -16.23 -5.71 5.65
C SER A 126 -15.04 -6.62 5.97
N ILE A 127 -13.83 -6.10 6.04
CA ILE A 127 -12.72 -6.97 6.44
C ILE A 127 -12.22 -6.62 7.84
N GLY A 128 -13.00 -5.82 8.56
CA GLY A 128 -12.66 -5.50 9.93
C GLY A 128 -11.82 -4.24 10.02
N ASP A 129 -11.49 -3.65 8.86
CA ASP A 129 -10.73 -2.42 8.86
C ASP A 129 -11.68 -1.25 9.06
N GLN A 130 -11.60 -0.59 10.23
CA GLN A 130 -12.52 0.48 10.57
C GLN A 130 -11.83 1.86 10.47
N MET A 131 -10.57 1.90 9.99
CA MET A 131 -9.79 3.13 10.01
C MET A 131 -9.55 3.66 8.61
N PHE A 132 -9.49 2.73 7.63
CA PHE A 132 -9.21 3.12 6.26
C PHE A 132 -10.29 4.10 5.79
N ARG A 133 -9.89 5.19 5.13
CA ARG A 133 -10.84 6.21 4.72
C ARG A 133 -10.31 6.96 3.50
N LEU A 134 -10.95 6.68 2.35
CA LEU A 134 -10.68 7.29 1.04
C LEU A 134 -11.70 8.42 0.79
N ASP A 135 -11.20 9.64 0.59
CA ASP A 135 -12.10 10.79 0.50
C ASP A 135 -12.07 11.42 -0.89
N ARG A 136 -10.92 11.38 -1.60
CA ARG A 136 -10.81 12.03 -2.90
C ARG A 136 -10.30 11.04 -3.95
N TRP A 137 -10.46 11.42 -5.23
CA TRP A 137 -9.89 10.68 -6.34
C TRP A 137 -8.42 11.07 -6.53
N GLU A 138 -7.68 10.35 -7.38
CA GLU A 138 -6.32 10.72 -7.81
C GLU A 138 -6.46 11.90 -8.76
N PRO A 139 -5.57 12.95 -8.76
CA PRO A 139 -4.38 13.01 -7.90
C PRO A 139 -4.50 13.77 -6.59
N ASP A 140 -5.73 14.17 -6.27
CA ASP A 140 -6.03 15.07 -5.17
C ASP A 140 -5.78 14.42 -3.82
N LEU A 141 -5.55 13.10 -3.76
CA LEU A 141 -5.57 12.45 -2.46
C LEU A 141 -4.18 12.37 -1.82
N ASN A 142 -3.15 12.98 -2.43
CA ASN A 142 -1.78 12.92 -1.94
C ASN A 142 -1.28 14.29 -1.49
N THR A 143 -2.21 15.20 -1.19
CA THR A 143 -1.86 16.46 -0.55
C THR A 143 -1.23 16.32 0.86
N ALA A 144 -1.58 15.28 1.63
CA ALA A 144 -0.98 15.00 2.93
C ALA A 144 -0.87 16.22 3.85
N ARG A 145 -1.87 17.10 3.82
CA ARG A 145 -1.91 18.27 4.68
C ARG A 145 -1.89 17.88 6.17
N PRO A 146 -1.19 18.69 7.00
CA PRO A 146 -1.04 18.42 8.43
C PRO A 146 -2.39 18.25 9.09
N ASN A 147 -2.55 17.14 9.83
CA ASN A 147 -3.78 16.87 10.58
C ASN A 147 -5.02 17.01 9.71
N ASP A 148 -4.89 16.60 8.45
CA ASP A 148 -6.01 16.37 7.57
C ASP A 148 -6.36 14.87 7.62
N PRO A 149 -7.60 14.48 8.02
CA PRO A 149 -7.93 13.07 8.18
C PRO A 149 -8.31 12.42 6.86
N ARG A 150 -8.45 13.24 5.83
CA ARG A 150 -8.89 12.75 4.53
C ARG A 150 -7.84 11.79 3.98
N ASP A 151 -8.27 10.57 3.67
CA ASP A 151 -7.41 9.68 2.90
C ASP A 151 -6.33 9.12 3.80
N THR A 152 -6.73 8.67 4.99
CA THR A 152 -5.77 8.15 5.96
C THR A 152 -6.18 6.78 6.47
N THR A 153 -5.21 6.15 7.13
CA THR A 153 -5.37 4.94 7.91
C THR A 153 -4.40 4.99 9.10
N THR A 154 -4.39 3.92 9.88
CA THR A 154 -3.43 3.80 10.93
C THR A 154 -2.52 2.68 10.47
N PRO A 155 -1.23 2.68 10.89
CA PRO A 155 -0.33 1.57 10.55
C PRO A 155 -0.94 0.24 10.97
N ALA A 156 -1.59 0.22 12.13
CA ALA A 156 -2.10 -1.07 12.61
C ALA A 156 -3.22 -1.56 11.71
N ALA A 157 -4.07 -0.63 11.25
CA ALA A 157 -5.22 -1.10 10.49
C ALA A 157 -4.75 -1.70 9.16
N MET A 158 -3.66 -1.14 8.62
CA MET A 158 -3.18 -1.51 7.31
C MET A 158 -2.39 -2.81 7.42
N ALA A 159 -1.77 -3.03 8.58
CA ALA A 159 -1.03 -4.27 8.75
C ALA A 159 -2.01 -5.44 8.89
N ALA A 160 -2.97 -5.29 9.81
CA ALA A 160 -4.06 -6.25 10.00
C ALA A 160 -4.68 -6.58 8.65
N SER A 161 -4.90 -5.58 7.78
CA SER A 161 -5.63 -5.83 6.54
C SER A 161 -4.76 -6.61 5.56
N MET A 162 -3.53 -6.15 5.40
CA MET A 162 -2.57 -6.82 4.55
C MET A 162 -2.36 -8.25 5.03
N ASN A 163 -2.38 -8.45 6.36
CA ASN A 163 -2.24 -9.76 6.98
C ASN A 163 -3.40 -10.67 6.57
N LYS A 164 -4.64 -10.25 6.89
CA LYS A 164 -5.86 -10.95 6.51
C LYS A 164 -5.89 -11.21 5.01
N LEU A 165 -5.52 -10.20 4.19
CA LEU A 165 -5.71 -10.26 2.73
C LEU A 165 -4.68 -11.17 2.04
N VAL A 166 -3.41 -11.07 2.44
CA VAL A 166 -2.35 -11.76 1.73
C VAL A 166 -2.01 -13.09 2.39
N LEU A 167 -2.15 -13.16 3.72
CA LEU A 167 -1.74 -14.33 4.48
C LEU A 167 -2.94 -14.99 5.18
N GLY A 168 -4.00 -14.22 5.46
CA GLY A 168 -5.14 -14.77 6.17
C GLY A 168 -6.14 -15.37 5.19
N ASP A 169 -7.42 -15.27 5.55
CA ASP A 169 -8.47 -15.99 4.87
C ASP A 169 -9.53 -14.98 4.42
N ALA A 170 -9.08 -13.74 4.21
CA ALA A 170 -10.01 -12.74 3.74
C ALA A 170 -10.57 -13.20 2.39
N LEU A 171 -9.67 -13.70 1.52
CA LEU A 171 -9.99 -14.02 0.13
C LEU A 171 -9.95 -15.54 -0.07
N ARG A 172 -10.54 -15.99 -1.17
CA ARG A 172 -10.36 -17.34 -1.68
C ARG A 172 -8.93 -17.45 -2.20
N PRO A 173 -8.41 -18.69 -2.47
CA PRO A 173 -6.99 -18.88 -2.73
C PRO A 173 -6.49 -18.29 -4.04
N ALA A 174 -7.28 -18.41 -5.13
CA ALA A 174 -6.79 -17.90 -6.41
C ALA A 174 -6.69 -16.39 -6.32
N GLN A 175 -7.63 -15.75 -5.60
CA GLN A 175 -7.60 -14.32 -5.46
C GLN A 175 -6.44 -13.95 -4.55
N ARG A 176 -6.26 -14.70 -3.47
CA ARG A 176 -5.16 -14.47 -2.54
C ARG A 176 -3.83 -14.46 -3.29
N SER A 177 -3.60 -15.49 -4.12
CA SER A 177 -2.36 -15.70 -4.83
C SER A 177 -2.10 -14.55 -5.79
N GLN A 178 -3.15 -14.14 -6.48
CA GLN A 178 -3.03 -13.09 -7.45
C GLN A 178 -2.49 -11.84 -6.76
N LEU A 179 -2.85 -11.65 -5.49
CA LEU A 179 -2.60 -10.42 -4.77
C LEU A 179 -1.12 -10.40 -4.38
N ALA A 180 -0.66 -11.48 -3.76
CA ALA A 180 0.75 -11.68 -3.51
C ALA A 180 1.54 -11.48 -4.81
N VAL A 181 1.04 -12.02 -5.94
CA VAL A 181 1.83 -12.02 -7.18
C VAL A 181 2.03 -10.59 -7.69
N TRP A 182 0.94 -9.86 -7.90
CA TRP A 182 1.02 -8.44 -8.18
C TRP A 182 2.08 -7.76 -7.28
N LEU A 183 1.96 -7.95 -5.96
CA LEU A 183 2.86 -7.35 -4.99
C LEU A 183 4.31 -7.72 -5.35
N LYS A 184 4.54 -9.01 -5.57
CA LYS A 184 5.90 -9.46 -5.84
C LYS A 184 6.48 -8.75 -7.08
N GLY A 185 5.66 -8.31 -8.02
CA GLY A 185 6.27 -7.75 -9.22
C GLY A 185 6.36 -6.23 -9.16
N ASN A 186 6.25 -5.66 -7.96
CA ASN A 186 6.22 -4.22 -7.79
C ASN A 186 7.55 -3.62 -8.24
N THR A 187 7.50 -2.46 -8.92
CA THR A 187 8.75 -1.92 -9.42
C THR A 187 9.13 -0.63 -8.70
N THR A 188 8.37 -0.22 -7.68
CA THR A 188 8.68 1.06 -7.06
C THR A 188 9.34 0.90 -5.70
N GLY A 189 9.75 -0.33 -5.34
CA GLY A 189 10.11 -0.63 -3.96
C GLY A 189 11.61 -0.79 -3.61
N ASP A 190 12.51 -0.70 -4.60
CA ASP A 190 13.91 -1.06 -4.41
C ASP A 190 14.53 -0.28 -3.26
N ALA A 191 14.02 0.92 -3.00
CA ALA A 191 14.85 1.81 -2.21
C ALA A 191 14.27 1.92 -0.81
N THR A 192 13.10 1.32 -0.60
CA THR A 192 12.47 1.45 0.70
C THR A 192 12.61 0.14 1.46
N ILE A 193 11.52 -0.61 1.71
CA ILE A 193 11.60 -1.81 2.54
C ILE A 193 12.57 -2.85 1.94
N ARG A 194 12.58 -3.04 0.60
CA ARG A 194 13.50 -3.98 -0.04
C ARG A 194 14.92 -3.70 0.43
N ALA A 195 15.30 -2.42 0.48
CA ALA A 195 16.70 -2.05 0.71
C ALA A 195 17.18 -2.38 2.14
N GLY A 196 16.26 -2.55 3.10
CA GLY A 196 16.65 -2.92 4.46
C GLY A 196 16.52 -4.42 4.74
N ALA A 197 16.47 -5.26 3.70
CA ALA A 197 16.07 -6.65 3.86
C ALA A 197 17.14 -7.57 3.27
N PRO A 198 17.40 -8.74 3.86
CA PRO A 198 18.44 -9.62 3.34
C PRO A 198 18.15 -9.75 1.85
N THR A 199 19.21 -9.81 1.04
CA THR A 199 19.04 -9.77 -0.39
C THR A 199 18.53 -11.13 -0.88
N ASP A 200 18.53 -12.14 -0.02
CA ASP A 200 18.01 -13.45 -0.35
C ASP A 200 16.49 -13.53 -0.11
N TRP A 201 15.95 -12.59 0.68
CA TRP A 201 14.52 -12.65 0.94
C TRP A 201 13.73 -12.24 -0.30
N ILE A 202 12.45 -12.65 -0.35
CA ILE A 202 11.50 -12.19 -1.35
C ILE A 202 10.50 -11.21 -0.72
N VAL A 203 10.38 -10.03 -1.35
CA VAL A 203 9.52 -8.96 -0.87
C VAL A 203 8.42 -8.60 -1.89
N GLY A 204 7.16 -8.55 -1.43
CA GLY A 204 6.09 -7.90 -2.14
C GLY A 204 5.64 -6.66 -1.38
N ASP A 205 5.43 -5.55 -2.09
CA ASP A 205 5.29 -4.26 -1.43
C ASP A 205 4.37 -3.33 -2.23
N LYS A 206 3.78 -2.33 -1.53
CA LYS A 206 3.16 -1.19 -2.19
C LYS A 206 3.68 0.12 -1.59
N THR A 207 4.23 0.98 -2.43
CA THR A 207 4.77 2.23 -1.91
C THR A 207 3.70 3.31 -1.99
N GLY A 208 4.04 4.48 -1.44
CA GLY A 208 3.29 5.71 -1.45
C GLY A 208 4.24 6.89 -1.28
N SER A 209 4.03 7.94 -2.06
CA SER A 209 4.67 9.21 -1.84
C SER A 209 3.62 10.30 -1.97
N GLY A 210 3.99 11.50 -1.53
CA GLY A 210 3.11 12.65 -1.67
C GLY A 210 3.78 13.85 -1.00
N ASP A 211 2.98 14.91 -0.83
CA ASP A 211 3.43 16.15 -0.23
C ASP A 211 3.87 15.96 1.23
N TYR A 212 4.46 17.02 1.79
CA TYR A 212 4.98 16.94 3.14
C TYR A 212 6.01 15.80 3.24
N GLY A 213 6.75 15.55 2.14
CA GLY A 213 7.60 14.37 1.96
C GLY A 213 6.98 13.10 2.54
N THR A 214 5.70 12.83 2.27
CA THR A 214 5.12 11.59 2.74
C THR A 214 5.83 10.43 2.03
N THR A 215 6.41 9.51 2.80
CA THR A 215 7.07 8.35 2.23
C THR A 215 6.47 7.10 2.89
N ASN A 216 5.83 6.22 2.10
CA ASN A 216 5.23 5.06 2.73
C ASN A 216 5.63 3.79 2.02
N ASP A 217 5.57 2.65 2.72
CA ASP A 217 5.66 1.37 2.05
C ASP A 217 4.95 0.29 2.88
N ILE A 218 4.21 -0.59 2.21
CA ILE A 218 3.55 -1.71 2.89
C ILE A 218 3.93 -3.03 2.20
N ALA A 219 4.35 -3.99 3.04
CA ALA A 219 5.06 -5.15 2.53
C ALA A 219 4.67 -6.46 3.22
N VAL A 220 4.70 -7.51 2.41
CA VAL A 220 5.03 -8.83 2.88
C VAL A 220 6.47 -9.18 2.46
N LEU A 221 7.19 -9.82 3.41
CA LEU A 221 8.56 -10.27 3.24
C LEU A 221 8.57 -11.77 3.46
N TRP A 222 9.13 -12.50 2.50
CA TRP A 222 9.25 -13.94 2.63
C TRP A 222 10.68 -14.27 3.06
N PRO A 223 10.92 -14.63 4.34
CA PRO A 223 12.28 -14.89 4.83
C PRO A 223 12.83 -16.22 4.30
N THR A 224 14.10 -16.49 4.60
CA THR A 224 14.80 -17.69 4.21
C THR A 224 14.29 -18.82 5.09
N LYS A 225 14.32 -18.55 6.40
CA LYS A 225 13.91 -19.43 7.46
C LYS A 225 12.59 -18.85 7.99
N GLY A 226 11.52 -19.65 7.97
CA GLY A 226 10.34 -19.25 8.73
C GLY A 226 9.20 -18.64 7.92
N ALA A 227 8.26 -18.06 8.68
CA ALA A 227 6.96 -17.70 8.15
C ALA A 227 7.00 -16.26 7.62
N PRO A 228 6.10 -15.87 6.68
CA PRO A 228 6.08 -14.49 6.19
C PRO A 228 5.89 -13.45 7.30
N ILE A 229 6.39 -12.24 7.04
CA ILE A 229 6.30 -11.15 7.99
C ILE A 229 5.57 -10.01 7.30
N VAL A 230 4.65 -9.33 8.02
CA VAL A 230 3.95 -8.16 7.50
C VAL A 230 4.63 -6.91 8.04
N LEU A 231 4.97 -5.96 7.16
CA LEU A 231 5.64 -4.73 7.62
C LEU A 231 4.99 -3.50 6.99
N VAL A 232 4.51 -2.58 7.83
CA VAL A 232 3.98 -1.30 7.39
C VAL A 232 4.79 -0.14 7.99
N VAL A 233 5.35 0.70 7.11
CA VAL A 233 6.05 1.92 7.50
C VAL A 233 5.47 3.17 6.80
N TYR A 234 4.98 4.14 7.58
CA TYR A 234 4.50 5.45 7.09
C TYR A 234 5.35 6.58 7.65
N PHE A 235 5.61 7.62 6.83
CA PHE A 235 6.40 8.72 7.35
C PHE A 235 6.02 10.05 6.68
N THR A 236 6.06 11.13 7.50
CA THR A 236 5.68 12.47 7.10
C THR A 236 6.57 13.50 7.79
N GLN A 237 6.63 14.72 7.22
CA GLN A 237 7.62 15.71 7.62
C GLN A 237 6.98 17.09 7.80
N ARG A 238 7.82 18.10 8.14
N ARG A 238 7.79 18.11 8.18
CA ARG A 238 7.43 19.45 8.53
CA ARG A 238 7.30 19.44 8.50
C ARG A 238 6.86 20.20 7.33
C ARG A 238 6.77 20.15 7.27
N GLU A 239 7.63 20.22 6.23
CA GLU A 239 7.39 21.16 5.15
C GLU A 239 6.79 20.46 3.94
N LYS A 240 5.99 21.20 3.16
CA LYS A 240 5.15 20.68 2.09
C LYS A 240 5.97 20.22 0.89
N ASP A 241 7.13 20.86 0.67
CA ASP A 241 8.00 20.44 -0.42
C ASP A 241 9.19 19.67 0.12
N ALA A 242 8.99 19.04 1.29
CA ALA A 242 9.98 18.10 1.80
C ALA A 242 10.20 17.00 0.76
N LYS A 243 11.47 16.61 0.62
CA LYS A 243 11.86 15.57 -0.30
C LYS A 243 11.66 14.22 0.41
N PRO A 244 11.32 13.12 -0.30
CA PRO A 244 11.02 11.84 0.38
C PRO A 244 12.21 11.35 1.17
N ARG A 245 11.93 10.45 2.12
CA ARG A 245 12.95 9.94 3.01
C ARG A 245 12.96 8.40 2.98
N ARG A 246 13.12 7.87 1.76
CA ARG A 246 13.15 6.44 1.53
C ARG A 246 14.15 5.78 2.46
N ASP A 247 15.33 6.37 2.60
CA ASP A 247 16.35 5.88 3.54
C ASP A 247 15.75 5.53 4.91
N VAL A 248 14.78 6.34 5.38
CA VAL A 248 14.20 6.19 6.71
C VAL A 248 13.45 4.87 6.80
N LEU A 249 12.78 4.52 5.68
CA LEU A 249 12.08 3.27 5.54
C LEU A 249 13.07 2.10 5.51
N ALA A 250 14.16 2.23 4.72
CA ALA A 250 15.28 1.28 4.76
C ALA A 250 15.84 1.04 6.17
N SER A 251 16.05 2.13 6.92
CA SER A 251 16.61 2.02 8.27
C SER A 251 15.62 1.41 9.28
N VAL A 252 14.34 1.75 9.13
CA VAL A 252 13.32 1.15 9.98
C VAL A 252 13.32 -0.36 9.77
N THR A 253 13.34 -0.76 8.50
CA THR A 253 13.33 -2.17 8.17
C THR A 253 14.53 -2.83 8.82
N LYS A 254 15.71 -2.22 8.69
CA LYS A 254 16.92 -2.78 9.28
C LYS A 254 16.75 -3.02 10.79
N ILE A 255 16.06 -2.11 11.47
CA ILE A 255 15.90 -2.17 12.92
C ILE A 255 14.98 -3.35 13.24
N ILE A 256 13.83 -3.38 12.55
CA ILE A 256 12.79 -4.34 12.88
C ILE A 256 13.31 -5.76 12.68
N LEU A 257 14.27 -5.90 11.76
CA LEU A 257 14.68 -7.23 11.34
C LEU A 257 15.77 -7.73 12.27
N SER A 258 16.48 -6.81 12.95
CA SER A 258 17.40 -7.26 13.98
C SER A 258 16.63 -7.91 15.13
N GLN A 259 15.57 -7.24 15.62
CA GLN A 259 14.72 -7.79 16.65
C GLN A 259 14.27 -9.22 16.30
N ILE A 260 14.00 -9.47 15.02
CA ILE A 260 13.67 -10.83 14.66
C ILE A 260 14.95 -11.54 14.18
#